data_3CSH
#
_entry.id   3CSH
#
_cell.length_a   77.346
_cell.length_b   89.358
_cell.length_c   68.946
_cell.angle_alpha   90.000
_cell.angle_beta   98.030
_cell.angle_gamma   90.000
#
_symmetry.space_group_name_H-M   'C 1 2 1'
#
loop_
_entity.id
_entity.type
_entity.pdbx_description
1 polymer 'Glutathione S-transferase P'
2 non-polymer 'CHLORIDE ION'
3 non-polymer '2-(N-MORPHOLINO)-ETHANESULFONIC ACID'
4 non-polymer L-gamma-glutamyl-S-(2-{[4-(3-carboxypropyl)phenyl](2-chloroethyl)amino}ethyl)-L-cysteinylglycine
5 non-polymer GLUTATHIONE
6 non-polymer 'CALCIUM ION'
7 non-polymer 'SULFATE ION'
8 water water
#
_entity_poly.entity_id   1
_entity_poly.type   'polypeptide(L)'
_entity_poly.pdbx_seq_one_letter_code
;PPYTVVYFPVRGRCAALRMLLADQGQSWKEEVVTVETWQEGSLKASCLYGQLPKFQDGDLTLYQSNTILRHLGRTLGLYG
KDQQEAALVDMVNDGVEDLRCKYISLIYTNYEAGKDDYVKALPGQLKPFETLLSQNQGGKTFIVGDQISFADYNLLDLLL
IHEVLAPGCLDAFPLLSAYVGRLSARPKLKAFLASPEYVNLPINGNGKQ
;
_entity_poly.pdbx_strand_id   A,B
#
loop_
_chem_comp.id
_chem_comp.type
_chem_comp.name
_chem_comp.formula
CA non-polymer 'CALCIUM ION' 'Ca 2'
CL non-polymer 'CHLORIDE ION' 'Cl -1'
GSH non-polymer GLUTATHIONE 'C10 H17 N3 O6 S'
LZ6 non-polymer L-gamma-glutamyl-S-(2-{[4-(3-carboxypropyl)phenyl](2-chloroethyl)amino}ethyl)-L-cysteinylglycine 'C24 H35 Cl N4 O8 S'
MES non-polymer '2-(N-MORPHOLINO)-ETHANESULFONIC ACID' 'C6 H13 N O4 S'
SO4 non-polymer 'SULFATE ION' 'O4 S -2'
#
# COMPACT_ATOMS: atom_id res chain seq x y z
N PRO A 1 21.34 -17.13 8.82
CA PRO A 1 19.88 -17.03 8.76
C PRO A 1 19.35 -16.93 7.32
N PRO A 2 18.09 -17.32 7.10
CA PRO A 2 17.53 -17.22 5.76
C PRO A 2 17.04 -15.81 5.40
N TYR A 3 16.85 -14.96 6.42
CA TYR A 3 16.40 -13.57 6.21
C TYR A 3 17.50 -12.54 6.37
N THR A 4 17.51 -11.58 5.45
CA THR A 4 18.40 -10.42 5.56
C THR A 4 17.62 -9.15 5.33
N VAL A 5 17.76 -8.19 6.25
CA VAL A 5 17.22 -6.84 6.10
C VAL A 5 18.31 -5.88 5.68
N VAL A 6 18.13 -5.20 4.55
CA VAL A 6 19.10 -4.24 4.04
C VAL A 6 18.51 -2.86 4.15
N TYR A 7 19.06 -2.01 5.02
CA TYR A 7 18.44 -0.74 5.28
C TYR A 7 19.42 0.25 5.86
N PHE A 8 19.03 1.52 5.84
CA PHE A 8 19.74 2.58 6.58
C PHE A 8 19.69 2.29 8.08
N PRO A 9 20.58 2.94 8.85
CA PRO A 9 20.58 2.77 10.30
C PRO A 9 19.47 3.56 11.00
N VAL A 10 18.22 3.10 10.79
CA VAL A 10 17.02 3.80 11.24
C VAL A 10 15.95 2.71 11.50
N ARG A 11 14.98 3.05 12.35
CA ARG A 11 13.85 2.19 12.54
C ARG A 11 12.93 2.30 11.32
N GLY A 12 12.35 3.46 11.09
CA GLY A 12 11.63 3.73 9.82
C GLY A 12 10.68 2.66 9.39
N ARG A 13 10.79 2.29 8.11
CA ARG A 13 9.88 1.34 7.52
C ARG A 13 10.28 -0.10 7.77
N CYS A 14 11.34 -0.31 8.55
CA CYS A 14 11.73 -1.67 8.94
C CYS A 14 11.35 -2.02 10.36
N ALA A 15 10.89 -1.05 11.14
CA ALA A 15 10.58 -1.30 12.56
C ALA A 15 9.50 -2.38 12.72
N ALA A 16 8.41 -2.31 11.95
CA ALA A 16 7.30 -3.26 12.11
C ALA A 16 7.77 -4.68 11.74
N LEU A 17 8.48 -4.79 10.61
CA LEU A 17 8.87 -6.15 10.18
C LEU A 17 9.88 -6.75 11.15
N ARG A 18 10.74 -5.91 11.73
CA ARG A 18 11.68 -6.40 12.75
C ARG A 18 10.93 -6.88 13.99
N MET A 19 9.92 -6.11 14.40
CA MET A 19 9.10 -6.49 15.56
C MET A 19 8.46 -7.84 15.28
N LEU A 20 7.96 -7.99 14.05
CA LEU A 20 7.28 -9.22 13.63
C LEU A 20 8.28 -10.39 13.75
N LEU A 21 9.46 -10.22 13.17
CA LEU A 21 10.46 -11.30 13.17
C LEU A 21 10.83 -11.64 14.62
N ALA A 22 11.16 -10.64 15.42
CA ALA A 22 11.54 -10.91 16.82
C ALA A 22 10.41 -11.58 17.60
N ASP A 23 9.19 -11.08 17.48
CA ASP A 23 8.09 -11.65 18.24
C ASP A 23 7.79 -13.09 17.81
N GLN A 24 8.12 -13.40 16.56
CA GLN A 24 7.85 -14.74 16.03
C GLN A 24 9.05 -15.66 16.21
N GLY A 25 10.09 -15.14 16.84
CA GLY A 25 11.28 -15.96 17.18
C GLY A 25 12.11 -16.36 15.98
N GLN A 26 12.07 -15.54 14.93
CA GLN A 26 12.83 -15.80 13.71
C GLN A 26 14.20 -15.16 13.81
N SER A 27 15.20 -15.76 13.14
CA SER A 27 16.51 -15.15 13.08
C SER A 27 16.68 -14.37 11.78
N TRP A 28 17.39 -13.25 11.87
CA TRP A 28 17.75 -12.51 10.66
C TRP A 28 19.06 -11.73 10.77
N LYS A 29 19.57 -11.33 9.62
CA LYS A 29 20.77 -10.52 9.50
C LYS A 29 20.43 -9.06 9.16
N GLU A 30 21.10 -8.13 9.80
CA GLU A 30 21.00 -6.75 9.41
C GLU A 30 22.21 -6.33 8.60
N GLU A 31 21.97 -5.93 7.36
CA GLU A 31 22.99 -5.30 6.54
C GLU A 31 22.73 -3.80 6.53
N VAL A 32 23.65 -3.03 7.11
CA VAL A 32 23.46 -1.61 7.28
C VAL A 32 24.08 -0.84 6.11
N VAL A 33 23.30 0.11 5.58
CA VAL A 33 23.73 0.94 4.47
C VAL A 33 23.96 2.36 4.99
N THR A 34 25.19 2.87 4.87
CA THR A 34 25.44 4.23 5.31
C THR A 34 25.01 5.22 4.24
N VAL A 35 24.75 6.46 4.64
CA VAL A 35 24.44 7.53 3.70
C VAL A 35 25.52 7.65 2.63
N GLU A 36 26.80 7.53 3.02
CA GLU A 36 27.93 7.55 2.08
C GLU A 36 27.90 6.43 1.05
N THR A 37 27.62 5.20 1.49
CA THR A 37 27.50 4.08 0.56
C THR A 37 26.31 4.32 -0.38
N TRP A 38 25.25 4.88 0.16
CA TRP A 38 24.06 5.17 -0.64
C TRP A 38 24.38 6.18 -1.72
N GLN A 39 25.11 7.24 -1.32
CA GLN A 39 25.46 8.33 -2.23
C GLN A 39 26.40 7.88 -3.36
N GLU A 40 27.16 6.82 -3.13
CA GLU A 40 28.03 6.26 -4.18
C GLU A 40 27.21 5.82 -5.40
N GLY A 41 25.98 5.36 -5.17
CA GLY A 41 25.01 5.16 -6.25
C GLY A 41 24.78 3.75 -6.76
N SER A 42 25.75 2.87 -6.58
CA SER A 42 25.67 1.54 -7.18
C SER A 42 24.57 0.70 -6.54
N LEU A 43 24.50 0.69 -5.21
CA LEU A 43 23.45 -0.09 -4.56
C LEU A 43 22.10 0.46 -4.97
N LYS A 44 21.93 1.78 -4.91
CA LYS A 44 20.67 2.39 -5.27
C LYS A 44 20.27 2.00 -6.68
N ALA A 45 21.20 2.07 -7.62
CA ALA A 45 20.82 1.75 -8.99
C ALA A 45 20.41 0.29 -9.16
N SER A 46 20.93 -0.59 -8.29
CA SER A 46 20.57 -2.00 -8.29
C SER A 46 19.23 -2.31 -7.61
N CYS A 47 18.67 -1.34 -6.88
CA CYS A 47 17.38 -1.60 -6.20
C CYS A 47 16.24 -1.39 -7.19
N LEU A 48 15.27 -2.30 -7.16
CA LEU A 48 14.14 -2.24 -8.11
C LEU A 48 13.54 -0.85 -8.31
N TYR A 49 13.16 -0.20 -7.21
CA TYR A 49 12.60 1.14 -7.25
C TYR A 49 13.56 2.18 -6.71
N GLY A 50 14.85 1.87 -6.76
CA GLY A 50 15.88 2.82 -6.30
C GLY A 50 15.82 3.17 -4.81
N GLN A 51 15.20 2.30 -4.01
CA GLN A 51 15.02 2.62 -2.59
C GLN A 51 15.18 1.40 -1.70
N LEU A 52 15.35 1.69 -0.42
CA LEU A 52 15.37 0.67 0.62
C LEU A 52 14.09 0.83 1.45
N PRO A 53 13.71 -0.21 2.22
CA PRO A 53 14.41 -1.48 2.44
C PRO A 53 14.42 -2.45 1.30
N LYS A 54 15.45 -3.28 1.35
CA LYS A 54 15.62 -4.46 0.54
C LYS A 54 15.62 -5.63 1.51
N PHE A 55 15.06 -6.75 1.11
CA PHE A 55 14.89 -7.90 1.97
C PHE A 55 15.24 -9.14 1.19
N GLN A 56 16.00 -10.04 1.81
CA GLN A 56 16.30 -11.30 1.15
C GLN A 56 15.71 -12.39 2.01
N ASP A 57 15.03 -13.33 1.36
CA ASP A 57 14.53 -14.56 2.00
C ASP A 57 15.11 -15.65 1.09
N GLY A 58 16.24 -16.22 1.48
CA GLY A 58 16.98 -17.03 0.52
C GLY A 58 17.34 -16.21 -0.72
N ASP A 59 17.13 -16.79 -1.90
CA ASP A 59 17.40 -16.08 -3.16
C ASP A 59 16.25 -15.19 -3.61
N LEU A 60 15.20 -15.09 -2.78
CA LEU A 60 14.08 -14.17 -3.06
C LEU A 60 14.43 -12.79 -2.56
N THR A 61 14.57 -11.85 -3.49
CA THR A 61 14.93 -10.47 -3.15
C THR A 61 13.68 -9.63 -3.31
N LEU A 62 13.25 -9.01 -2.21
CA LEU A 62 12.05 -8.19 -2.18
C LEU A 62 12.42 -6.77 -1.87
N TYR A 63 11.60 -5.89 -2.39
CA TYR A 63 11.59 -4.47 -2.02
C TYR A 63 10.15 -4.22 -1.63
N GLN A 64 9.97 -3.07 -0.99
CA GLN A 64 8.66 -2.54 -0.54
C GLN A 64 8.31 -3.08 0.83
N SER A 65 8.33 -2.19 1.83
CA SER A 65 8.14 -2.61 3.20
C SER A 65 6.83 -3.40 3.40
N ASN A 66 5.76 -3.01 2.72
CA ASN A 66 4.52 -3.78 2.91
C ASN A 66 4.48 -5.10 2.21
N THR A 67 5.26 -5.21 1.15
CA THR A 67 5.48 -6.48 0.50
C THR A 67 6.19 -7.43 1.46
N ILE A 68 7.21 -6.90 2.15
CA ILE A 68 7.93 -7.73 3.14
C ILE A 68 6.96 -8.17 4.24
N LEU A 69 6.15 -7.24 4.75
CA LEU A 69 5.22 -7.60 5.78
C LEU A 69 4.22 -8.66 5.33
N ARG A 70 3.66 -8.48 4.13
CA ARG A 70 2.70 -9.48 3.61
C ARG A 70 3.37 -10.82 3.38
N HIS A 71 4.61 -10.81 2.92
CA HIS A 71 5.32 -12.07 2.65
C HIS A 71 5.52 -12.81 3.96
N LEU A 72 5.97 -12.10 5.00
CA LEU A 72 6.17 -12.74 6.30
C LEU A 72 4.80 -13.13 6.87
N GLY A 73 3.78 -12.29 6.67
CA GLY A 73 2.44 -12.64 7.10
C GLY A 73 1.98 -13.96 6.47
N ARG A 74 2.23 -14.16 5.18
CA ARG A 74 1.91 -15.46 4.53
C ARG A 74 2.67 -16.62 5.07
N THR A 75 3.99 -16.47 5.11
CA THR A 75 4.85 -17.61 5.37
C THR A 75 4.88 -17.96 6.85
N LEU A 76 4.53 -17.02 7.73
CA LEU A 76 4.54 -17.31 9.16
C LEU A 76 3.16 -17.40 9.78
N GLY A 77 2.12 -17.41 8.95
CA GLY A 77 0.75 -17.59 9.39
C GLY A 77 0.15 -16.42 10.19
N LEU A 78 0.45 -15.20 9.73
CA LEU A 78 0.00 -13.95 10.36
C LEU A 78 -0.87 -13.12 9.41
N TYR A 79 -1.83 -13.78 8.80
CA TYR A 79 -2.61 -13.15 7.75
C TYR A 79 -4.06 -13.57 7.80
N GLY A 80 -4.58 -13.75 9.02
CA GLY A 80 -5.98 -14.08 9.21
C GLY A 80 -6.20 -15.57 9.09
N LYS A 81 -7.40 -16.00 9.45
CA LYS A 81 -7.72 -17.43 9.46
C LYS A 81 -8.44 -17.88 8.19
N ASP A 82 -8.91 -16.92 7.41
CA ASP A 82 -9.63 -17.20 6.18
C ASP A 82 -9.59 -16.00 5.26
N GLN A 83 -10.23 -16.11 4.10
CA GLN A 83 -10.11 -15.06 3.07
C GLN A 83 -10.71 -13.74 3.51
N GLN A 84 -11.85 -13.79 4.20
CA GLN A 84 -12.47 -12.57 4.71
C GLN A 84 -11.55 -11.88 5.71
N GLU A 85 -10.97 -12.64 6.67
CA GLU A 85 -10.03 -12.03 7.62
C GLU A 85 -8.80 -11.46 6.94
N ALA A 86 -8.32 -12.13 5.90
CA ALA A 86 -7.15 -11.61 5.15
C ALA A 86 -7.49 -10.24 4.55
N ALA A 87 -8.68 -10.09 4.00
CA ALA A 87 -9.10 -8.77 3.47
C ALA A 87 -9.12 -7.73 4.57
N LEU A 88 -9.66 -8.08 5.74
CA LEU A 88 -9.69 -7.12 6.85
C LEU A 88 -8.28 -6.73 7.32
N VAL A 89 -7.38 -7.70 7.34
CA VAL A 89 -5.99 -7.44 7.68
C VAL A 89 -5.41 -6.43 6.65
N ASP A 90 -5.64 -6.67 5.35
CA ASP A 90 -5.16 -5.72 4.31
C ASP A 90 -5.77 -4.35 4.54
N MET A 91 -7.04 -4.29 4.92
CA MET A 91 -7.73 -3.02 5.08
C MET A 91 -7.08 -2.23 6.22
N VAL A 92 -6.73 -2.93 7.28
CA VAL A 92 -6.03 -2.28 8.39
C VAL A 92 -4.65 -1.82 7.91
N ASN A 93 -3.91 -2.70 7.26
CA ASN A 93 -2.55 -2.33 6.89
C ASN A 93 -2.52 -1.15 5.93
N ASP A 94 -3.46 -1.13 4.99
CA ASP A 94 -3.50 0.01 4.06
C ASP A 94 -3.83 1.29 4.79
N GLY A 95 -4.68 1.22 5.83
CA GLY A 95 -4.94 2.43 6.64
C GLY A 95 -3.69 2.87 7.40
N VAL A 96 -2.95 1.90 7.94
CA VAL A 96 -1.71 2.20 8.62
C VAL A 96 -0.75 2.84 7.63
N GLU A 97 -0.60 2.26 6.43
CA GLU A 97 0.29 2.82 5.41
C GLU A 97 -0.12 4.26 5.07
N ASP A 98 -1.41 4.53 4.93
CA ASP A 98 -1.83 5.89 4.61
C ASP A 98 -1.38 6.89 5.68
N LEU A 99 -1.55 6.52 6.94
CA LEU A 99 -1.16 7.44 8.01
C LEU A 99 0.36 7.56 8.10
N ARG A 100 1.05 6.44 7.88
CA ARG A 100 2.48 6.46 7.89
C ARG A 100 3.01 7.40 6.82
N CYS A 101 2.38 7.40 5.64
CA CYS A 101 2.84 8.33 4.59
C CYS A 101 2.69 9.77 5.07
N LYS A 102 1.60 10.06 5.75
CA LYS A 102 1.35 11.42 6.27
CA LYS A 102 1.38 11.43 6.23
C LYS A 102 2.41 11.78 7.30
N TYR A 103 2.71 10.82 8.18
CA TYR A 103 3.72 11.01 9.22
C TYR A 103 5.08 11.27 8.56
N ILE A 104 5.44 10.45 7.57
CA ILE A 104 6.72 10.60 6.87
C ILE A 104 6.78 11.98 6.20
N SER A 105 5.69 12.40 5.60
CA SER A 105 5.66 13.74 4.95
C SER A 105 5.95 14.83 5.97
N LEU A 106 5.27 14.75 7.11
CA LEU A 106 5.51 15.71 8.18
C LEU A 106 6.99 15.70 8.60
N ILE A 107 7.50 14.55 8.98
CA ILE A 107 8.85 14.46 9.52
C ILE A 107 9.87 15.03 8.55
N TYR A 108 9.80 14.63 7.28
CA TYR A 108 10.85 14.92 6.32
C TYR A 108 10.62 16.15 5.48
N THR A 109 9.40 16.66 5.43
CA THR A 109 9.17 17.80 4.53
C THR A 109 8.58 19.03 5.18
N ASN A 110 8.08 18.92 6.40
CA ASN A 110 7.26 20.00 6.92
C ASN A 110 7.11 20.02 8.43
N TYR A 111 8.14 19.61 9.15
CA TYR A 111 8.00 19.38 10.59
C TYR A 111 7.65 20.65 11.37
N GLU A 112 8.42 21.71 11.17
CA GLU A 112 8.21 22.97 11.90
C GLU A 112 6.84 23.55 11.64
N ALA A 113 6.53 23.77 10.35
CA ALA A 113 5.30 24.43 9.96
C ALA A 113 4.06 23.54 10.10
N GLY A 114 4.27 22.23 10.05
CA GLY A 114 3.15 21.31 9.89
C GLY A 114 2.70 20.61 11.15
N LYS A 115 3.56 20.60 12.18
CA LYS A 115 3.34 19.77 13.37
C LYS A 115 2.05 20.09 14.13
N ASP A 116 1.73 21.38 14.31
CA ASP A 116 0.49 21.72 15.04
C ASP A 116 -0.77 21.20 14.36
N ASP A 117 -0.89 21.43 13.06
CA ASP A 117 -2.07 20.99 12.30
C ASP A 117 -2.15 19.48 12.31
N TYR A 118 -0.99 18.86 12.18
CA TYR A 118 -0.93 17.39 12.13
C TYR A 118 -1.44 16.78 13.42
N VAL A 119 -0.96 17.33 14.54
CA VAL A 119 -1.36 16.85 15.84
C VAL A 119 -2.86 17.11 16.12
N LYS A 120 -3.38 18.23 15.58
CA LYS A 120 -4.83 18.53 15.68
C LYS A 120 -5.68 17.53 14.92
N ALA A 121 -5.17 17.07 13.77
CA ALA A 121 -5.87 16.14 12.91
C ALA A 121 -5.69 14.70 13.41
N LEU A 122 -4.72 14.49 14.29
CA LEU A 122 -4.36 13.13 14.70
C LEU A 122 -5.49 12.29 15.31
N PRO A 123 -6.30 12.86 16.24
CA PRO A 123 -7.37 12.01 16.77
C PRO A 123 -8.26 11.44 15.67
N GLY A 124 -8.56 12.23 14.66
CA GLY A 124 -9.44 11.79 13.61
C GLY A 124 -8.83 10.68 12.76
N GLN A 125 -7.50 10.66 12.75
CA GLN A 125 -6.74 9.65 11.97
C GLN A 125 -6.53 8.36 12.75
N LEU A 126 -6.51 8.48 14.08
CA LEU A 126 -6.38 7.31 14.95
C LEU A 126 -7.72 6.64 15.23
N LYS A 127 -8.79 7.44 15.24
CA LYS A 127 -10.11 6.93 15.55
C LYS A 127 -10.53 5.64 14.80
N PRO A 128 -10.23 5.55 13.46
CA PRO A 128 -10.64 4.29 12.82
C PRO A 128 -10.08 3.03 13.45
N PHE A 129 -8.85 3.10 13.97
CA PHE A 129 -8.26 1.94 14.58
C PHE A 129 -8.91 1.61 15.92
N GLU A 130 -9.28 2.65 16.66
CA GLU A 130 -10.05 2.45 17.89
C GLU A 130 -11.39 1.78 17.56
N THR A 131 -12.06 2.29 16.53
CA THR A 131 -13.30 1.70 16.03
C THR A 131 -13.14 0.22 15.67
N LEU A 132 -12.11 -0.10 14.88
CA LEU A 132 -11.84 -1.50 14.59
C LEU A 132 -11.67 -2.36 15.83
N LEU A 133 -10.91 -1.89 16.81
CA LEU A 133 -10.75 -2.65 18.05
C LEU A 133 -12.09 -2.83 18.75
N SER A 134 -12.87 -1.76 18.81
CA SER A 134 -14.17 -1.80 19.52
C SER A 134 -15.10 -2.83 18.90
N GLN A 135 -14.92 -3.12 17.61
CA GLN A 135 -15.78 -4.06 16.89
C GLN A 135 -15.22 -5.47 16.86
N ASN A 136 -14.09 -5.69 17.52
CA ASN A 136 -13.49 -7.02 17.55
C ASN A 136 -13.23 -7.51 18.96
N GLN A 137 -14.16 -8.29 19.51
CA GLN A 137 -14.02 -8.81 20.88
C GLN A 137 -13.73 -7.70 21.92
N GLY A 138 -14.39 -6.54 21.78
CA GLY A 138 -14.24 -5.40 22.68
C GLY A 138 -12.83 -4.83 22.75
N GLY A 139 -12.02 -5.14 21.75
CA GLY A 139 -10.66 -4.59 21.70
C GLY A 139 -9.64 -5.33 22.54
N LYS A 140 -10.02 -6.52 23.01
CA LYS A 140 -9.22 -7.29 23.95
C LYS A 140 -8.17 -8.21 23.36
N THR A 141 -8.21 -8.38 22.04
CA THR A 141 -7.27 -9.30 21.41
C THR A 141 -6.39 -8.56 20.39
N PHE A 142 -6.71 -8.72 19.11
CA PHE A 142 -5.88 -8.14 18.05
C PHE A 142 -6.71 -7.25 17.14
N ILE A 143 -6.05 -6.62 16.17
CA ILE A 143 -6.79 -5.67 15.35
C ILE A 143 -7.82 -6.37 14.43
N VAL A 144 -7.46 -7.58 13.97
CA VAL A 144 -8.39 -8.43 13.20
C VAL A 144 -8.38 -9.83 13.79
N GLY A 145 -9.57 -10.32 14.14
CA GLY A 145 -9.68 -11.71 14.55
C GLY A 145 -9.05 -11.94 15.91
N ASP A 146 -8.77 -13.21 16.19
CA ASP A 146 -8.28 -13.62 17.48
C ASP A 146 -6.84 -14.10 17.48
N GLN A 147 -6.13 -13.80 16.39
CA GLN A 147 -4.73 -14.08 16.34
C GLN A 147 -3.99 -12.89 15.74
N ILE A 148 -2.73 -12.78 16.12
CA ILE A 148 -1.92 -11.64 15.67
C ILE A 148 -1.71 -11.72 14.14
N SER A 149 -1.66 -10.54 13.49
CA SER A 149 -1.35 -10.49 12.06
C SER A 149 -0.26 -9.49 11.81
N PHE A 150 0.22 -9.46 10.58
CA PHE A 150 1.28 -8.51 10.27
C PHE A 150 0.78 -7.10 10.47
N ALA A 151 -0.52 -6.88 10.29
CA ALA A 151 -1.11 -5.54 10.47
C ALA A 151 -0.99 -5.09 11.93
N ASP A 152 -1.04 -6.03 12.89
CA ASP A 152 -0.82 -5.63 14.29
C ASP A 152 0.58 -5.03 14.50
N TYR A 153 1.60 -5.62 13.89
CA TYR A 153 2.97 -5.10 14.11
C TYR A 153 3.12 -3.75 13.46
N ASN A 154 2.50 -3.58 12.29
CA ASN A 154 2.57 -2.28 11.62
C ASN A 154 1.79 -1.23 12.39
N LEU A 155 0.56 -1.55 12.81
CA LEU A 155 -0.20 -0.60 13.62
C LEU A 155 0.54 -0.27 14.93
N LEU A 156 1.07 -1.29 15.60
CA LEU A 156 1.81 -1.04 16.82
C LEU A 156 2.95 -0.03 16.62
N ASP A 157 3.73 -0.23 15.57
CA ASP A 157 4.80 0.69 15.31
C ASP A 157 4.25 2.09 15.08
N LEU A 158 3.18 2.18 14.29
CA LEU A 158 2.60 3.48 13.97
C LEU A 158 2.16 4.17 15.26
N LEU A 159 1.62 3.40 16.20
CA LEU A 159 1.16 4.01 17.43
C LEU A 159 2.35 4.44 18.28
N LEU A 160 3.38 3.60 18.33
CA LEU A 160 4.56 3.91 19.15
C LEU A 160 5.20 5.19 18.69
N ILE A 161 5.32 5.37 17.36
CA ILE A 161 6.00 6.57 16.86
C ILE A 161 5.14 7.81 17.10
N HIS A 162 3.82 7.62 17.06
CA HIS A 162 2.91 8.74 17.33
C HIS A 162 2.90 9.12 18.77
N GLU A 163 3.10 8.17 19.67
CA GLU A 163 3.29 8.55 21.09
C GLU A 163 4.53 9.43 21.30
N VAL A 164 5.58 9.20 20.51
CA VAL A 164 6.78 10.03 20.62
C VAL A 164 6.51 11.41 20.04
N LEU A 165 5.78 11.46 18.94
CA LEU A 165 5.46 12.74 18.25
C LEU A 165 4.50 13.61 19.08
N ALA A 166 3.53 12.95 19.69
CA ALA A 166 2.41 13.61 20.32
C ALA A 166 2.15 12.85 21.61
N PRO A 167 3.00 13.05 22.64
CA PRO A 167 2.80 12.29 23.88
C PRO A 167 1.37 12.43 24.40
N GLY A 168 0.79 11.32 24.86
CA GLY A 168 -0.58 11.30 25.34
C GLY A 168 -1.64 11.17 24.27
N CYS A 169 -1.24 11.03 23.01
CA CYS A 169 -2.22 11.01 21.91
C CYS A 169 -3.17 9.83 22.02
N LEU A 170 -2.78 8.77 22.72
CA LEU A 170 -3.69 7.64 22.92
C LEU A 170 -4.55 7.77 24.17
N ASP A 171 -4.38 8.86 24.94
CA ASP A 171 -5.23 9.03 26.13
C ASP A 171 -6.70 9.09 25.74
N ALA A 172 -6.98 9.55 24.51
CA ALA A 172 -8.34 9.66 24.00
C ALA A 172 -8.89 8.31 23.50
N PHE A 173 -8.03 7.29 23.50
CA PHE A 173 -8.37 6.01 22.85
C PHE A 173 -8.05 4.85 23.76
N PRO A 174 -8.97 4.54 24.68
CA PRO A 174 -8.69 3.51 25.69
C PRO A 174 -8.31 2.13 25.11
N LEU A 175 -8.94 1.72 24.01
CA LEU A 175 -8.67 0.39 23.46
C LEU A 175 -7.30 0.38 22.79
N LEU A 176 -6.97 1.43 22.04
CA LEU A 176 -5.62 1.53 21.45
C LEU A 176 -4.55 1.56 22.52
N SER A 177 -4.81 2.32 23.59
CA SER A 177 -3.87 2.45 24.68
CA SER A 177 -3.89 2.45 24.72
C SER A 177 -3.57 1.11 25.33
N ALA A 178 -4.62 0.35 25.61
CA ALA A 178 -4.50 -0.94 26.28
C ALA A 178 -3.84 -1.91 25.32
N TYR A 179 -4.16 -1.76 24.03
CA TYR A 179 -3.60 -2.60 22.97
C TYR A 179 -2.09 -2.44 22.84
N VAL A 180 -1.61 -1.20 22.81
CA VAL A 180 -0.17 -0.96 22.80
C VAL A 180 0.49 -1.59 24.02
N GLY A 181 -0.10 -1.41 25.20
CA GLY A 181 0.47 -2.02 26.40
C GLY A 181 0.52 -3.53 26.31
N ARG A 182 -0.56 -4.11 25.81
CA ARG A 182 -0.68 -5.56 25.74
C ARG A 182 0.33 -6.16 24.74
N LEU A 183 0.33 -5.66 23.51
CA LEU A 183 1.28 -6.19 22.55
C LEU A 183 2.70 -5.92 22.95
N SER A 184 2.99 -4.73 23.49
CA SER A 184 4.37 -4.41 23.91
C SER A 184 4.87 -5.33 25.02
N ALA A 185 3.95 -5.99 25.71
CA ALA A 185 4.31 -6.85 26.85
C ALA A 185 4.54 -8.30 26.44
N ARG A 186 4.22 -8.64 25.20
CA ARG A 186 4.54 -9.97 24.68
C ARG A 186 6.03 -10.25 24.90
N PRO A 187 6.35 -11.36 25.59
CA PRO A 187 7.72 -11.44 26.06
C PRO A 187 8.84 -11.22 25.03
N LYS A 188 8.77 -11.90 23.88
CA LYS A 188 9.86 -11.79 22.90
C LYS A 188 9.89 -10.36 22.32
N LEU A 189 8.71 -9.80 22.16
CA LEU A 189 8.62 -8.43 21.65
C LEU A 189 9.12 -7.42 22.67
N LYS A 190 8.70 -7.55 23.93
CA LYS A 190 9.22 -6.72 25.00
C LYS A 190 10.75 -6.72 25.05
N ALA A 191 11.37 -7.90 24.96
CA ALA A 191 12.83 -8.01 24.99
C ALA A 191 13.44 -7.27 23.79
N PHE A 192 12.83 -7.44 22.62
CA PHE A 192 13.35 -6.82 21.43
C PHE A 192 13.30 -5.27 21.54
N LEU A 193 12.13 -4.78 21.96
CA LEU A 193 11.95 -3.34 22.10
C LEU A 193 12.90 -2.68 23.10
N ALA A 194 13.36 -3.45 24.09
CA ALA A 194 14.28 -2.92 25.11
C ALA A 194 15.74 -3.09 24.70
N SER A 195 15.98 -3.80 23.60
CA SER A 195 17.35 -4.23 23.26
C SER A 195 18.07 -3.12 22.52
N PRO A 196 19.41 -3.07 22.61
CA PRO A 196 20.17 -2.06 21.89
C PRO A 196 19.91 -2.02 20.37
N GLU A 197 19.66 -3.17 19.73
CA GLU A 197 19.47 -3.15 18.29
C GLU A 197 18.24 -2.34 17.84
N TYR A 198 17.28 -2.19 18.76
CA TYR A 198 16.12 -1.33 18.54
C TYR A 198 16.33 0.06 19.13
N VAL A 199 16.65 0.12 20.42
CA VAL A 199 16.74 1.40 21.13
C VAL A 199 17.82 2.32 20.56
N ASN A 200 18.91 1.75 20.04
CA ASN A 200 20.00 2.64 19.60
C ASN A 200 19.90 3.11 18.16
N LEU A 201 18.78 2.78 17.50
CA LEU A 201 18.51 3.36 16.18
C LEU A 201 17.52 4.50 16.36
N PRO A 202 17.68 5.58 15.60
CA PRO A 202 16.66 6.63 15.68
C PRO A 202 15.41 6.22 14.92
N ILE A 203 14.29 6.82 15.25
CA ILE A 203 13.05 6.52 14.53
C ILE A 203 13.17 6.86 13.04
N ASN A 204 13.69 8.07 12.76
CA ASN A 204 13.80 8.62 11.43
C ASN A 204 15.25 9.01 11.13
N GLY A 205 15.52 9.44 9.91
CA GLY A 205 16.89 9.72 9.48
C GLY A 205 17.34 11.15 9.56
N ASN A 206 16.46 12.03 10.01
CA ASN A 206 16.77 13.47 9.98
C ASN A 206 16.80 14.14 11.35
N GLY A 207 16.85 13.32 12.40
CA GLY A 207 16.86 13.81 13.78
C GLY A 207 15.53 14.29 14.34
N LYS A 208 14.45 14.09 13.58
CA LYS A 208 13.13 14.56 14.00
C LYS A 208 12.28 13.37 14.41
N GLN A 209 11.41 13.59 15.38
CA GLN A 209 10.46 12.58 15.86
C GLN A 209 9.37 13.27 16.65
N PRO B 1 -19.60 -12.57 -4.32
CA PRO B 1 -20.56 -11.64 -4.94
C PRO B 1 -21.88 -11.62 -4.18
N PRO B 2 -22.83 -10.73 -4.57
CA PRO B 2 -22.72 -9.73 -5.65
C PRO B 2 -21.77 -8.62 -5.23
N TYR B 3 -21.25 -7.92 -6.23
CA TYR B 3 -20.29 -6.85 -5.99
C TYR B 3 -20.92 -5.49 -6.16
N THR B 4 -20.56 -4.57 -5.28
CA THR B 4 -20.96 -3.17 -5.41
C THR B 4 -19.73 -2.28 -5.24
N VAL B 5 -19.57 -1.37 -6.18
CA VAL B 5 -18.53 -0.33 -6.12
C VAL B 5 -19.19 1.01 -5.79
N VAL B 6 -18.76 1.63 -4.70
CA VAL B 6 -19.29 2.92 -4.27
C VAL B 6 -18.19 3.94 -4.46
N TYR B 7 -18.39 4.93 -5.34
CA TYR B 7 -17.34 5.87 -5.66
C TYR B 7 -17.88 7.12 -6.34
N PHE B 8 -17.07 8.16 -6.41
CA PHE B 8 -17.36 9.34 -7.21
C PHE B 8 -17.37 9.00 -8.71
N PRO B 9 -17.99 9.86 -9.55
CA PRO B 9 -18.00 9.57 -10.98
C PRO B 9 -16.68 9.97 -11.65
N VAL B 10 -15.65 9.17 -11.34
CA VAL B 10 -14.33 9.34 -11.91
C VAL B 10 -13.72 7.94 -12.03
N ARG B 11 -12.69 7.83 -12.86
CA ARG B 11 -11.93 6.59 -13.00
C ARG B 11 -11.09 6.39 -11.71
N GLY B 12 -10.12 7.27 -11.49
CA GLY B 12 -9.36 7.33 -10.25
C GLY B 12 -8.92 5.96 -9.75
N ARG B 13 -9.20 5.72 -8.47
CA ARG B 13 -8.71 4.51 -7.80
C ARG B 13 -9.62 3.30 -7.98
N CYS B 14 -10.68 3.43 -8.79
CA CYS B 14 -11.54 2.30 -9.10
C CYS B 14 -11.30 1.78 -10.50
N ALA B 15 -10.49 2.48 -11.30
CA ALA B 15 -10.30 2.07 -12.69
C ALA B 15 -9.72 0.64 -12.80
N ALA B 16 -8.70 0.35 -12.01
CA ALA B 16 -8.06 -0.95 -12.11
C ALA B 16 -9.00 -2.06 -11.66
N LEU B 17 -9.68 -1.84 -10.54
CA LEU B 17 -10.59 -2.89 -10.03
C LEU B 17 -11.78 -3.09 -10.98
N ARG B 18 -12.23 -2.03 -11.65
CA ARG B 18 -13.27 -2.20 -12.68
C ARG B 18 -12.77 -2.99 -13.87
N MET B 19 -11.56 -2.70 -14.32
CA MET B 19 -10.96 -3.44 -15.43
C MET B 19 -10.87 -4.91 -15.06
N LEU B 20 -10.44 -5.16 -13.84
CA LEU B 20 -10.33 -6.54 -13.33
C LEU B 20 -11.68 -7.23 -13.40
N LEU B 21 -12.71 -6.61 -12.84
CA LEU B 21 -14.02 -7.26 -12.80
C LEU B 21 -14.52 -7.50 -14.21
N ALA B 22 -14.37 -6.50 -15.10
CA ALA B 22 -14.87 -6.66 -16.48
C ALA B 22 -14.12 -7.79 -17.17
N ASP B 23 -12.80 -7.77 -17.06
CA ASP B 23 -11.99 -8.74 -17.75
C ASP B 23 -12.25 -10.16 -17.26
N GLN B 24 -12.60 -10.26 -15.98
CA GLN B 24 -12.83 -11.57 -15.33
C GLN B 24 -14.29 -11.99 -15.53
N GLY B 25 -15.04 -11.21 -16.30
CA GLY B 25 -16.45 -11.53 -16.58
C GLY B 25 -17.37 -11.51 -15.38
N GLN B 26 -17.01 -10.68 -14.39
CA GLN B 26 -17.81 -10.51 -13.22
C GLN B 26 -18.88 -9.46 -13.46
N SER B 27 -19.98 -9.55 -12.71
CA SER B 27 -21.01 -8.52 -12.72
C SER B 27 -20.86 -7.65 -11.48
N TRP B 28 -21.16 -6.36 -11.61
CA TRP B 28 -21.19 -5.51 -10.43
C TRP B 28 -22.14 -4.34 -10.59
N LYS B 29 -22.47 -3.75 -9.44
CA LYS B 29 -23.30 -2.58 -9.35
C LYS B 29 -22.38 -1.41 -9.06
N GLU B 30 -22.53 -0.35 -9.84
CA GLU B 30 -21.96 0.96 -9.52
C GLU B 30 -22.93 1.81 -8.72
N GLU B 31 -22.52 2.19 -7.52
CA GLU B 31 -23.26 3.15 -6.73
C GLU B 31 -22.49 4.46 -6.84
N VAL B 32 -22.99 5.35 -7.70
CA VAL B 32 -22.30 6.61 -7.96
C VAL B 32 -22.62 7.61 -6.86
N VAL B 33 -21.58 8.17 -6.25
CA VAL B 33 -21.74 9.20 -5.22
C VAL B 33 -21.38 10.57 -5.80
N THR B 34 -22.34 11.51 -5.83
CA THR B 34 -22.01 12.84 -6.33
C THR B 34 -21.29 13.65 -5.24
N VAL B 35 -20.56 14.67 -5.68
CA VAL B 35 -19.90 15.61 -4.78
C VAL B 35 -20.89 16.23 -3.81
N GLU B 36 -22.07 16.57 -4.33
CA GLU B 36 -23.13 17.15 -3.51
C GLU B 36 -23.54 16.22 -2.36
N THR B 37 -23.79 14.94 -2.69
CA THR B 37 -24.12 13.90 -1.71
C THR B 37 -22.99 13.70 -0.69
N TRP B 38 -21.75 13.72 -1.18
CA TRP B 38 -20.58 13.59 -0.30
C TRP B 38 -20.50 14.73 0.70
N GLN B 39 -20.78 15.94 0.23
CA GLN B 39 -20.69 17.16 1.04
C GLN B 39 -21.71 17.21 2.17
N GLU B 40 -22.80 16.46 2.02
CA GLU B 40 -23.78 16.27 3.09
C GLU B 40 -23.15 15.64 4.35
N GLY B 41 -22.11 14.84 4.17
CA GLY B 41 -21.28 14.36 5.27
C GLY B 41 -21.60 12.99 5.83
N SER B 42 -22.84 12.54 5.61
CA SER B 42 -23.34 11.32 6.23
C SER B 42 -22.64 10.04 5.76
N LEU B 43 -22.55 9.87 4.44
CA LEU B 43 -21.83 8.70 3.89
C LEU B 43 -20.37 8.73 4.35
N LYS B 44 -19.71 9.87 4.18
CA LYS B 44 -18.33 10.05 4.64
C LYS B 44 -18.11 9.62 6.09
N ALA B 45 -18.95 10.10 7.01
CA ALA B 45 -18.86 9.68 8.40
C ALA B 45 -18.93 8.17 8.60
N SER B 46 -19.69 7.46 7.77
CA SER B 46 -19.86 6.01 7.92
C SER B 46 -18.71 5.22 7.29
N CYS B 47 -17.84 5.92 6.55
CA CYS B 47 -16.73 5.25 5.87
C CYS B 47 -15.58 5.06 6.88
N LEU B 48 -14.96 3.87 6.87
CA LEU B 48 -13.95 3.54 7.88
C LEU B 48 -12.87 4.63 8.02
N TYR B 49 -12.31 5.01 6.87
CA TYR B 49 -11.31 6.05 6.86
C TYR B 49 -11.82 7.36 6.27
N GLY B 50 -13.15 7.51 6.28
CA GLY B 50 -13.78 8.73 5.74
C GLY B 50 -13.60 8.97 4.23
N GLN B 51 -13.28 7.90 3.52
CA GLN B 51 -13.02 7.99 2.09
C GLN B 51 -13.66 6.88 1.28
N LEU B 52 -13.73 7.14 -0.03
CA LEU B 52 -14.12 6.15 -1.05
C LEU B 52 -12.87 5.75 -1.86
N PRO B 53 -12.89 4.59 -2.53
CA PRO B 53 -13.99 3.66 -2.69
C PRO B 53 -14.36 2.85 -1.45
N LYS B 54 -15.63 2.48 -1.45
CA LYS B 54 -16.21 1.48 -0.58
C LYS B 54 -16.62 0.35 -1.51
N PHE B 55 -16.48 -0.89 -1.04
CA PHE B 55 -16.81 -2.06 -1.85
C PHE B 55 -17.60 -3.05 -1.04
N GLN B 56 -18.60 -3.65 -1.66
N GLN B 56 -18.59 -3.67 -1.68
CA GLN B 56 -19.38 -4.69 -1.00
CA GLN B 56 -19.39 -4.68 -1.03
C GLN B 56 -19.23 -5.98 -1.78
C GLN B 56 -19.24 -5.99 -1.80
N ASP B 57 -19.02 -7.08 -1.05
CA ASP B 57 -18.95 -8.39 -1.62
C ASP B 57 -19.87 -9.21 -0.72
N GLY B 58 -21.12 -9.36 -1.17
CA GLY B 58 -22.14 -9.93 -0.30
C GLY B 58 -22.19 -9.18 1.01
N ASP B 59 -21.96 -9.89 2.11
CA ASP B 59 -22.05 -9.29 3.43
C ASP B 59 -20.72 -8.67 3.91
N LEU B 60 -19.71 -8.71 3.03
CA LEU B 60 -18.42 -8.12 3.35
C LEU B 60 -18.34 -6.69 2.80
N THR B 61 -18.03 -5.75 3.68
CA THR B 61 -17.78 -4.35 3.29
C THR B 61 -16.30 -4.05 3.46
N LEU B 62 -15.70 -3.53 2.38
CA LEU B 62 -14.30 -3.15 2.36
C LEU B 62 -14.12 -1.70 1.96
N TYR B 63 -13.01 -1.14 2.44
CA TYR B 63 -12.50 0.15 2.01
C TYR B 63 -11.06 -0.14 1.64
N GLN B 64 -10.44 0.85 0.99
CA GLN B 64 -9.05 0.83 0.50
C GLN B 64 -8.94 0.13 -0.85
N SER B 65 -8.64 0.92 -1.88
CA SER B 65 -8.58 0.41 -3.24
C SER B 65 -7.68 -0.84 -3.38
N ASN B 66 -6.50 -0.81 -2.75
CA ASN B 66 -5.63 -2.00 -2.88
C ASN B 66 -6.09 -3.19 -2.08
N THR B 67 -6.85 -2.93 -1.00
CA THR B 67 -7.51 -4.03 -0.25
C THR B 67 -8.53 -4.72 -1.16
N ILE B 68 -9.27 -3.91 -1.90
CA ILE B 68 -10.29 -4.44 -2.84
C ILE B 68 -9.61 -5.25 -3.93
N LEU B 69 -8.54 -4.71 -4.51
CA LEU B 69 -7.75 -5.48 -5.50
C LEU B 69 -7.20 -6.79 -4.95
N ARG B 70 -6.63 -6.75 -3.76
CA ARG B 70 -6.06 -7.96 -3.17
C ARG B 70 -7.14 -8.97 -2.86
N HIS B 71 -8.31 -8.51 -2.43
CA HIS B 71 -9.40 -9.43 -2.09
C HIS B 71 -9.91 -10.14 -3.35
N LEU B 72 -10.10 -9.34 -4.40
CA LEU B 72 -10.49 -9.89 -5.71
C LEU B 72 -9.40 -10.81 -6.19
N GLY B 73 -8.14 -10.41 -6.02
CA GLY B 73 -7.01 -11.27 -6.37
C GLY B 73 -7.07 -12.62 -5.66
N ARG B 74 -7.32 -12.59 -4.37
CA ARG B 74 -7.32 -13.81 -3.55
C ARG B 74 -8.51 -14.68 -3.92
N THR B 75 -9.68 -14.07 -4.13
CA THR B 75 -10.89 -14.86 -4.30
C THR B 75 -11.05 -15.34 -5.74
N LEU B 76 -10.46 -14.62 -6.70
CA LEU B 76 -10.56 -15.01 -8.11
C LEU B 76 -9.32 -15.70 -8.69
N GLY B 77 -8.29 -15.90 -7.87
CA GLY B 77 -7.07 -16.57 -8.31
C GLY B 77 -6.24 -15.71 -9.22
N LEU B 78 -6.09 -14.44 -8.85
CA LEU B 78 -5.29 -13.48 -9.59
C LEU B 78 -4.14 -12.98 -8.71
N TYR B 79 -3.43 -13.92 -8.10
CA TYR B 79 -2.45 -13.56 -7.06
C TYR B 79 -1.21 -14.47 -7.17
N GLY B 80 -0.89 -14.89 -8.38
CA GLY B 80 0.31 -15.70 -8.62
C GLY B 80 0.04 -17.17 -8.27
N LYS B 81 1.03 -18.00 -8.58
CA LYS B 81 0.83 -19.44 -8.46
C LYS B 81 1.18 -19.99 -7.09
N ASP B 82 1.97 -19.23 -6.34
CA ASP B 82 2.46 -19.69 -5.06
C ASP B 82 2.86 -18.48 -4.24
N GLN B 83 3.37 -18.72 -3.04
CA GLN B 83 3.73 -17.60 -2.17
C GLN B 83 4.84 -16.73 -2.76
N GLN B 84 5.82 -17.33 -3.41
CA GLN B 84 6.91 -16.57 -3.95
C GLN B 84 6.31 -15.58 -4.97
N GLU B 85 5.46 -16.11 -5.87
CA GLU B 85 4.83 -15.23 -6.86
C GLU B 85 3.91 -14.19 -6.22
N ALA B 86 3.18 -14.60 -5.18
CA ALA B 86 2.33 -13.64 -4.44
C ALA B 86 3.15 -12.46 -3.93
N ALA B 87 4.35 -12.73 -3.43
CA ALA B 87 5.22 -11.66 -2.95
C ALA B 87 5.61 -10.75 -4.11
N LEU B 88 5.93 -11.36 -5.25
CA LEU B 88 6.31 -10.58 -6.42
C LEU B 88 5.13 -9.71 -6.90
N VAL B 89 3.94 -10.30 -6.91
CA VAL B 89 2.71 -9.53 -7.24
C VAL B 89 2.55 -8.31 -6.28
N ASP B 90 2.71 -8.55 -4.98
CA ASP B 90 2.65 -7.41 -4.02
C ASP B 90 3.71 -6.38 -4.32
N MET B 91 4.93 -6.82 -4.62
CA MET B 91 6.02 -5.89 -4.89
C MET B 91 5.70 -5.00 -6.09
N VAL B 92 5.12 -5.60 -7.13
CA VAL B 92 4.69 -4.81 -8.30
C VAL B 92 3.56 -3.85 -7.87
N ASN B 93 2.55 -4.38 -7.18
CA ASN B 93 1.43 -3.53 -6.83
C ASN B 93 1.85 -2.36 -5.94
N ASP B 94 2.77 -2.62 -5.00
CA ASP B 94 3.21 -1.53 -4.10
C ASP B 94 3.99 -0.50 -4.90
N GLY B 95 4.76 -0.93 -5.91
CA GLY B 95 5.45 0.04 -6.79
C GLY B 95 4.46 0.85 -7.64
N VAL B 96 3.40 0.20 -8.09
CA VAL B 96 2.34 0.92 -8.83
C VAL B 96 1.69 1.95 -7.91
N GLU B 97 1.36 1.53 -6.67
CA GLU B 97 0.78 2.43 -5.71
C GLU B 97 1.69 3.64 -5.42
N ASP B 98 3.00 3.40 -5.28
CA ASP B 98 3.90 4.53 -5.00
C ASP B 98 3.82 5.56 -6.14
N LEU B 99 3.89 5.08 -7.38
CA LEU B 99 3.83 6.04 -8.49
C LEU B 99 2.43 6.66 -8.61
N ARG B 100 1.38 5.88 -8.36
CA ARG B 100 0.04 6.46 -8.35
C ARG B 100 -0.07 7.60 -7.34
N CYS B 101 0.54 7.43 -6.16
CA CYS B 101 0.46 8.50 -5.14
C CYS B 101 1.16 9.78 -5.66
N LYS B 102 2.28 9.59 -6.34
CA LYS B 102 3.01 10.72 -6.94
CA LYS B 102 2.98 10.74 -6.92
C LYS B 102 2.15 11.40 -8.01
N TYR B 103 1.52 10.60 -8.86
CA TYR B 103 0.62 11.10 -9.90
C TYR B 103 -0.52 11.89 -9.26
N ILE B 104 -1.14 11.31 -8.24
CA ILE B 104 -2.26 11.97 -7.57
C ILE B 104 -1.79 13.30 -6.94
N SER B 105 -0.62 13.31 -6.32
CA SER B 105 -0.12 14.55 -5.72
C SER B 105 0.03 15.62 -6.80
N LEU B 106 0.59 15.24 -7.95
CA LEU B 106 0.77 16.18 -9.06
C LEU B 106 -0.57 16.72 -9.51
N ILE B 107 -1.50 15.81 -9.78
CA ILE B 107 -2.79 16.20 -10.35
C ILE B 107 -3.52 17.15 -9.42
N TYR B 108 -3.54 16.82 -8.14
CA TYR B 108 -4.44 17.51 -7.22
C TYR B 108 -3.81 18.66 -6.47
N THR B 109 -2.49 18.71 -6.41
CA THR B 109 -1.87 19.69 -5.52
C THR B 109 -0.81 20.56 -6.16
N ASN B 110 -0.38 20.22 -7.38
CA ASN B 110 0.78 20.89 -7.96
C ASN B 110 0.96 20.72 -9.46
N TYR B 111 -0.15 20.67 -10.20
CA TYR B 111 -0.08 20.35 -11.62
C TYR B 111 0.74 21.37 -12.42
N GLU B 112 0.41 22.64 -12.29
CA GLU B 112 1.01 23.65 -13.15
C GLU B 112 2.52 23.79 -12.92
N ALA B 113 2.91 24.00 -11.67
CA ALA B 113 4.31 24.20 -11.30
C ALA B 113 5.08 22.88 -11.32
N GLY B 114 4.37 21.77 -11.14
CA GLY B 114 5.04 20.48 -10.95
C GLY B 114 5.15 19.55 -12.15
N LYS B 115 4.36 19.79 -13.20
CA LYS B 115 4.32 18.83 -14.31
C LYS B 115 5.65 18.64 -15.03
N ASP B 116 6.40 19.73 -15.23
CA ASP B 116 7.66 19.60 -15.94
C ASP B 116 8.65 18.65 -15.25
N ASP B 117 8.83 18.82 -13.95
CA ASP B 117 9.76 17.99 -13.19
C ASP B 117 9.24 16.56 -13.12
N TYR B 118 7.92 16.42 -12.98
CA TYR B 118 7.31 15.08 -12.94
C TYR B 118 7.56 14.31 -14.23
N VAL B 119 7.31 14.96 -15.36
CA VAL B 119 7.48 14.33 -16.65
C VAL B 119 8.96 14.02 -16.95
N LYS B 120 9.86 14.90 -16.50
CA LYS B 120 11.30 14.63 -16.63
C LYS B 120 11.75 13.41 -15.80
N ALA B 121 11.10 13.21 -14.66
CA ALA B 121 11.43 12.11 -13.74
C ALA B 121 10.76 10.82 -14.19
N LEU B 122 9.77 10.95 -15.06
CA LEU B 122 8.91 9.81 -15.39
C LEU B 122 9.62 8.57 -15.97
N PRO B 123 10.54 8.74 -16.95
CA PRO B 123 11.19 7.55 -17.47
C PRO B 123 11.82 6.66 -16.39
N GLY B 124 12.45 7.31 -15.39
CA GLY B 124 13.12 6.56 -14.31
C GLY B 124 12.10 5.87 -13.41
N GLN B 125 10.89 6.39 -13.42
CA GLN B 125 9.79 5.79 -12.63
C GLN B 125 9.12 4.64 -13.34
N LEU B 126 9.14 4.64 -14.67
CA LEU B 126 8.55 3.55 -15.44
C LEU B 126 9.48 2.40 -15.71
N LYS B 127 10.78 2.71 -15.81
CA LYS B 127 11.74 1.67 -16.13
C LYS B 127 11.69 0.40 -15.26
N PRO B 128 11.40 0.54 -13.93
CA PRO B 128 11.36 -0.70 -13.16
C PRO B 128 10.39 -1.72 -13.72
N PHE B 129 9.29 -1.23 -14.29
CA PHE B 129 8.26 -2.16 -14.81
C PHE B 129 8.71 -2.78 -16.11
N GLU B 130 9.45 -2.02 -16.92
CA GLU B 130 10.09 -2.59 -18.11
C GLU B 130 11.10 -3.67 -17.69
N THR B 131 11.91 -3.37 -16.68
CA THR B 131 12.89 -4.35 -16.15
C THR B 131 12.21 -5.61 -15.63
N LEU B 132 11.13 -5.46 -14.87
CA LEU B 132 10.38 -6.64 -14.42
C LEU B 132 9.88 -7.47 -15.60
N LEU B 133 9.31 -6.82 -16.61
CA LEU B 133 8.87 -7.55 -17.77
C LEU B 133 10.03 -8.31 -18.41
N SER B 134 11.19 -7.66 -18.52
CA SER B 134 12.31 -8.25 -19.23
C SER B 134 12.80 -9.50 -18.52
N GLN B 135 12.50 -9.61 -17.24
CA GLN B 135 12.98 -10.73 -16.44
C GLN B 135 11.93 -11.81 -16.29
N ASN B 136 10.79 -11.63 -16.94
CA ASN B 136 9.71 -12.62 -16.88
C ASN B 136 9.24 -13.06 -18.26
N GLN B 137 9.76 -14.19 -18.74
CA GLN B 137 9.35 -14.76 -20.05
C GLN B 137 9.52 -13.75 -21.18
N GLY B 138 10.59 -12.97 -21.09
CA GLY B 138 10.87 -11.92 -22.08
C GLY B 138 9.78 -10.88 -22.23
N GLY B 139 8.98 -10.69 -21.17
CA GLY B 139 7.91 -9.70 -21.21
C GLY B 139 6.67 -10.11 -21.99
N LYS B 140 6.55 -11.40 -22.31
CA LYS B 140 5.53 -11.88 -23.25
C LYS B 140 4.24 -12.32 -22.60
N THR B 141 4.21 -12.38 -21.27
CA THR B 141 3.00 -12.84 -20.60
C THR B 141 2.45 -11.69 -19.73
N PHE B 142 2.76 -11.76 -18.45
CA PHE B 142 2.19 -10.83 -17.49
C PHE B 142 3.29 -10.25 -16.65
N ILE B 143 2.94 -9.39 -15.68
CA ILE B 143 4.02 -8.73 -14.94
C ILE B 143 4.70 -9.71 -13.97
N VAL B 144 3.94 -10.67 -13.46
CA VAL B 144 4.47 -11.72 -12.61
C VAL B 144 3.93 -13.06 -13.10
N GLY B 145 4.85 -13.98 -13.35
CA GLY B 145 4.45 -15.33 -13.70
C GLY B 145 3.73 -15.44 -15.04
N ASP B 146 2.92 -16.48 -15.17
CA ASP B 146 2.32 -16.84 -16.46
C ASP B 146 0.84 -16.64 -16.51
N GLN B 147 0.26 -16.05 -15.45
CA GLN B 147 -1.17 -15.76 -15.41
C GLN B 147 -1.34 -14.33 -14.92
N ILE B 148 -2.45 -13.74 -15.33
CA ILE B 148 -2.77 -12.36 -14.97
C ILE B 148 -3.01 -12.27 -13.49
N SER B 149 -2.66 -11.13 -12.91
CA SER B 149 -2.83 -10.93 -11.46
C SER B 149 -3.46 -9.56 -11.27
N PHE B 150 -3.89 -9.26 -10.04
CA PHE B 150 -4.50 -7.94 -9.82
C PHE B 150 -3.50 -6.83 -10.11
N ALA B 151 -2.21 -7.12 -9.95
CA ALA B 151 -1.17 -6.11 -10.21
C ALA B 151 -1.13 -5.74 -11.69
N ASP B 152 -1.46 -6.66 -12.58
CA ASP B 152 -1.49 -6.32 -14.00
C ASP B 152 -2.54 -5.26 -14.31
N TYR B 153 -3.71 -5.39 -13.70
CA TYR B 153 -4.77 -4.42 -13.96
C TYR B 153 -4.39 -3.06 -13.39
N ASN B 154 -3.74 -3.06 -12.21
CA ASN B 154 -3.31 -1.79 -11.61
C ASN B 154 -2.18 -1.17 -12.43
N LEU B 155 -1.20 -1.98 -12.84
CA LEU B 155 -0.10 -1.42 -13.66
C LEU B 155 -0.66 -0.90 -15.00
N LEU B 156 -1.57 -1.67 -15.61
CA LEU B 156 -2.16 -1.24 -16.89
C LEU B 156 -2.82 0.11 -16.75
N ASP B 157 -3.61 0.27 -15.70
CA ASP B 157 -4.23 1.59 -15.50
C ASP B 157 -3.19 2.68 -15.33
N LEU B 158 -2.16 2.41 -14.53
CA LEU B 158 -1.09 3.37 -14.27
C LEU B 158 -0.47 3.79 -15.60
N LEU B 159 -0.24 2.81 -16.47
CA LEU B 159 0.38 3.10 -17.78
C LEU B 159 -0.54 3.93 -18.66
N LEU B 160 -1.82 3.57 -18.67
CA LEU B 160 -2.77 4.29 -19.52
C LEU B 160 -2.88 5.75 -19.10
N ILE B 161 -2.96 6.02 -17.79
CA ILE B 161 -3.13 7.42 -17.35
C ILE B 161 -1.85 8.21 -17.60
N HIS B 162 -0.71 7.52 -17.56
CA HIS B 162 0.55 8.18 -17.86
C HIS B 162 0.72 8.49 -19.33
N GLU B 163 0.12 7.67 -20.19
CA GLU B 163 0.14 7.99 -21.62
C GLU B 163 -0.67 9.26 -21.91
N VAL B 164 -1.70 9.52 -21.13
CA VAL B 164 -2.48 10.75 -21.29
C VAL B 164 -1.68 11.93 -20.75
N LEU B 165 -1.04 11.75 -19.61
CA LEU B 165 -0.30 12.86 -19.02
C LEU B 165 0.91 13.22 -19.87
N ALA B 166 1.60 12.20 -20.37
CA ALA B 166 2.87 12.38 -21.06
C ALA B 166 2.84 11.49 -22.30
N PRO B 167 2.14 11.92 -23.38
CA PRO B 167 2.12 11.09 -24.57
C PRO B 167 3.52 10.68 -25.02
N GLY B 168 3.67 9.42 -25.42
CA GLY B 168 4.98 8.92 -25.86
C GLY B 168 5.80 8.35 -24.72
N CYS B 169 5.28 8.39 -23.50
CA CYS B 169 6.10 7.97 -22.35
C CYS B 169 6.48 6.48 -22.35
N LEU B 170 5.80 5.66 -23.13
CA LEU B 170 6.17 4.24 -23.26
C LEU B 170 7.04 3.95 -24.49
N ASP B 171 7.31 4.97 -25.29
CA ASP B 171 7.96 4.72 -26.59
C ASP B 171 9.34 4.13 -26.42
N ALA B 172 10.02 4.47 -25.32
CA ALA B 172 11.36 3.97 -25.03
C ALA B 172 11.35 2.56 -24.43
N PHE B 173 10.16 2.01 -24.19
CA PHE B 173 9.99 0.80 -23.40
C PHE B 173 9.20 -0.22 -24.21
N PRO B 174 9.90 -1.02 -25.02
CA PRO B 174 9.15 -1.85 -25.94
C PRO B 174 8.32 -2.91 -25.25
N LEU B 175 8.80 -3.46 -24.12
CA LEU B 175 8.03 -4.52 -23.47
C LEU B 175 6.75 -3.94 -22.84
N LEU B 176 6.87 -2.77 -22.21
CA LEU B 176 5.69 -2.10 -21.63
C LEU B 176 4.73 -1.72 -22.74
N SER B 177 5.28 -1.20 -23.85
CA SER B 177 4.39 -0.81 -24.96
C SER B 177 3.59 -2.01 -25.45
N ALA B 178 4.27 -3.12 -25.63
CA ALA B 178 3.64 -4.33 -26.15
C ALA B 178 2.64 -4.92 -25.16
N TYR B 179 3.01 -4.82 -23.88
CA TYR B 179 2.17 -5.28 -22.79
C TYR B 179 0.83 -4.52 -22.72
N VAL B 180 0.89 -3.20 -22.82
CA VAL B 180 -0.32 -2.39 -22.85
C VAL B 180 -1.19 -2.82 -24.04
N GLY B 181 -0.58 -2.96 -25.21
CA GLY B 181 -1.38 -3.34 -26.39
C GLY B 181 -2.03 -4.71 -26.19
N ARG B 182 -1.27 -5.65 -25.64
CA ARG B 182 -1.72 -7.01 -25.50
C ARG B 182 -2.86 -7.10 -24.47
N LEU B 183 -2.65 -6.54 -23.29
CA LEU B 183 -3.67 -6.64 -22.26
C LEU B 183 -4.93 -5.91 -22.69
N SER B 184 -4.74 -4.80 -23.39
CA SER B 184 -5.85 -3.93 -23.80
C SER B 184 -6.71 -4.61 -24.84
N ALA B 185 -6.13 -5.62 -25.52
CA ALA B 185 -6.86 -6.32 -26.56
C ALA B 185 -7.60 -7.54 -26.04
N ARG B 186 -7.44 -7.89 -24.76
CA ARG B 186 -8.18 -9.02 -24.21
C ARG B 186 -9.66 -8.68 -24.41
N PRO B 187 -10.45 -9.61 -24.99
CA PRO B 187 -11.77 -9.19 -25.47
C PRO B 187 -12.70 -8.44 -24.50
N LYS B 188 -12.87 -8.97 -23.29
CA LYS B 188 -13.77 -8.33 -22.33
C LYS B 188 -13.21 -7.02 -21.87
N LEU B 189 -11.90 -6.98 -21.69
CA LEU B 189 -11.28 -5.73 -21.28
C LEU B 189 -11.36 -4.68 -22.39
N LYS B 190 -11.13 -5.08 -23.63
CA LYS B 190 -11.24 -4.20 -24.79
C LYS B 190 -12.64 -3.58 -24.85
N ALA B 191 -13.65 -4.43 -24.66
CA ALA B 191 -15.05 -3.99 -24.68
C ALA B 191 -15.30 -2.97 -23.57
N PHE B 192 -14.79 -3.26 -22.39
CA PHE B 192 -14.94 -2.35 -21.26
C PHE B 192 -14.25 -1.02 -21.52
N LEU B 193 -13.02 -1.06 -22.03
CA LEU B 193 -12.26 0.16 -22.22
C LEU B 193 -12.88 1.08 -23.26
N ALA B 194 -13.64 0.46 -24.18
CA ALA B 194 -14.31 1.17 -25.26
C ALA B 194 -15.67 1.69 -24.83
N SER B 195 -16.20 1.17 -23.72
CA SER B 195 -17.58 1.46 -23.28
C SER B 195 -17.72 2.87 -22.71
N PRO B 196 -18.94 3.47 -22.80
CA PRO B 196 -19.14 4.82 -22.25
C PRO B 196 -18.89 4.90 -20.74
N GLU B 197 -19.16 3.79 -20.08
CA GLU B 197 -18.99 3.63 -18.65
C GLU B 197 -17.56 3.97 -18.24
N TYR B 198 -16.62 3.63 -19.13
CA TYR B 198 -15.23 4.03 -18.92
C TYR B 198 -14.89 5.35 -19.65
N VAL B 199 -15.16 5.41 -20.95
CA VAL B 199 -14.72 6.58 -21.74
C VAL B 199 -15.32 7.89 -21.25
N ASN B 200 -16.58 7.88 -20.82
CA ASN B 200 -17.21 9.13 -20.45
C ASN B 200 -17.07 9.55 -19.00
N LEU B 201 -16.18 8.84 -18.28
CA LEU B 201 -15.76 9.33 -16.96
C LEU B 201 -14.40 10.01 -17.08
N PRO B 202 -14.19 11.12 -16.33
CA PRO B 202 -12.88 11.77 -16.34
C PRO B 202 -11.92 10.88 -15.55
N ILE B 203 -10.63 11.00 -15.86
CA ILE B 203 -9.63 10.23 -15.11
C ILE B 203 -9.63 10.66 -13.65
N ASN B 204 -9.65 11.97 -13.41
CA ASN B 204 -9.54 12.55 -12.07
C ASN B 204 -10.71 13.47 -11.79
N GLY B 205 -10.79 14.00 -10.58
CA GLY B 205 -11.95 14.82 -10.20
C GLY B 205 -11.85 16.32 -10.42
N ASN B 206 -10.72 16.79 -10.92
CA ASN B 206 -10.47 18.24 -10.99
C ASN B 206 -10.27 18.76 -12.41
N GLY B 207 -10.58 17.95 -13.40
CA GLY B 207 -10.45 18.34 -14.79
C GLY B 207 -9.03 18.26 -15.34
N LYS B 208 -8.10 17.74 -14.54
CA LYS B 208 -6.73 17.65 -14.99
C LYS B 208 -6.33 16.20 -15.24
N GLN B 209 -5.39 16.03 -16.16
CA GLN B 209 -4.93 14.72 -16.62
C GLN B 209 -3.65 14.89 -17.43
CL CL C . 10.53 5.81 6.74
O1 MES D . 20.38 -9.00 13.74
C2 MES D . 18.97 -9.03 13.72
C3 MES D . 18.41 -10.07 14.70
N4 MES D . 19.13 -10.07 15.98
C5 MES D . 20.55 -9.70 16.05
C6 MES D . 20.84 -8.60 15.04
C7 MES D . 18.46 -10.59 17.20
C8 MES D . 16.95 -10.30 17.27
S MES D . 16.15 -11.16 18.50
O1S MES D . 15.04 -11.50 17.57
O2S MES D . 16.04 -9.91 19.27
O3S MES D . 17.31 -12.07 18.66
O37 LZ6 E . 9.40 0.31 1.16
C35 LZ6 E . 8.44 1.09 0.95
O36 LZ6 E . 7.34 1.13 1.59
C34 LZ6 E . 8.55 2.09 -0.20
N38 LZ6 E . 7.19 2.43 -0.68
C33 LZ6 E . 9.23 3.37 0.29
C32 LZ6 E . 10.67 3.20 0.75
C30 LZ6 E . 11.31 4.57 0.85
O31 LZ6 E . 10.60 5.59 0.76
N29 LZ6 E . 12.63 4.60 1.04
C21 LZ6 E . 13.35 5.90 0.98
C22 LZ6 E . 14.73 5.78 0.40
O28 LZ6 E . 15.15 4.67 0.14
N23 LZ6 E . 15.41 6.91 0.16
C24 LZ6 E . 16.63 6.86 -0.63
C25 LZ6 E . 16.35 7.40 -2.01
O27 LZ6 E . 17.34 7.72 -2.72
O26 LZ6 E . 15.16 7.51 -2.42
C20 LZ6 E . 13.41 6.54 2.36
S13 LZ6 E . 14.48 5.60 3.39
C12 LZ6 E . 14.57 6.43 4.96
C11 LZ6 E . 15.05 7.89 4.81
N7 LZ6 E . 16.50 7.89 4.50
C8 LZ6 E . 16.94 8.07 3.10
C9 LZ6 E . 17.09 9.55 2.78
CL10 LZ6 E . 17.80 9.75 1.13
C1 LZ6 E . 17.48 7.72 5.50
C6 LZ6 E . 18.82 7.93 5.18
C5 LZ6 E . 19.81 7.77 6.13
C4 LZ6 E . 19.50 7.39 7.44
C3 LZ6 E . 18.16 7.17 7.77
C2 LZ6 E . 17.16 7.34 6.80
C14 LZ6 E . 20.61 7.21 8.44
C15 LZ6 E . 20.42 8.08 9.67
C16 LZ6 E . 21.08 9.44 9.47
C17 LZ6 E . 20.92 10.33 10.69
O18 LZ6 E . 20.24 9.94 11.67
O19 LZ6 E . 21.46 11.46 10.66
N1 GSH F . 8.10 2.06 -1.07
CA1 GSH F . 8.16 2.38 0.35
C1 GSH F . 8.47 1.14 1.15
O11 GSH F . 7.51 0.52 1.63
O12 GSH F . 9.63 0.70 1.34
CB1 GSH F . 9.11 3.56 0.62
CG1 GSH F . 10.60 3.31 0.37
CD1 GSH F . 11.40 4.47 0.90
OE1 GSH F . 10.76 5.65 1.32
N2 GSH F . 12.73 4.30 0.96
CA2 GSH F . 13.62 5.37 1.40
C2 GSH F . 14.81 5.47 0.48
O2 GSH F . 15.58 4.31 0.27
CB2 GSH F . 14.10 5.09 2.82
SG2 GSH F . 12.71 5.04 3.97
N3 GSH F . 15.02 6.66 -0.09
CA3 GSH F . 16.32 7.08 -0.58
C3 GSH F . 16.40 7.22 -2.09
O31 GSH F . 15.37 7.30 -2.82
O32 GSH F . 17.52 7.27 -2.64
CA CA G . -5.45 -17.43 -12.24
S SO4 H . -23.05 -6.35 -15.52
O1 SO4 H . -24.31 -6.93 -15.06
O2 SO4 H . -23.30 -5.15 -16.33
O3 SO4 H . -22.22 -5.99 -14.38
O4 SO4 H . -22.32 -7.35 -16.30
CL CL I . -7.53 8.93 -7.21
O1 MES J . -22.62 -1.46 -13.91
C2 MES J . -21.28 -1.95 -13.76
C3 MES J . -20.91 -3.00 -14.82
N4 MES J . -21.38 -2.60 -16.14
C5 MES J . -22.66 -1.90 -16.29
C6 MES J . -22.80 -0.86 -15.19
C7 MES J . -20.66 -2.90 -17.38
C8 MES J . -19.67 -4.04 -17.17
S MES J . -19.14 -4.71 -18.60
O1S MES J . -18.56 -3.65 -19.46
O2S MES J . -20.24 -5.26 -19.40
O3S MES J . -18.15 -5.76 -18.25
O37 LZ6 K . -8.65 3.71 -1.35
C35 LZ6 K . -7.46 4.06 -1.19
O36 LZ6 K . -6.54 3.64 -1.93
C34 LZ6 K . -7.13 5.06 -0.08
N38 LZ6 K . -5.75 4.88 0.35
C33 LZ6 K . -7.32 6.49 -0.61
C32 LZ6 K . -8.76 6.85 -1.00
C30 LZ6 K . -8.86 8.34 -1.31
O31 LZ6 K . -7.86 9.03 -1.32
N29 LZ6 K . -10.10 8.75 -1.53
C21 LZ6 K . -10.33 10.18 -1.55
C22 LZ6 K . -11.67 10.53 -0.99
O28 LZ6 K . -12.54 9.70 -0.85
N23 LZ6 K . -11.78 11.81 -0.66
C24 LZ6 K . -12.98 12.32 0.00
C25 LZ6 K . -12.72 12.82 1.40
O27 LZ6 K . -11.62 12.56 1.97
O26 LZ6 K . -13.64 13.47 1.94
C20 LZ6 K . -10.09 10.72 -2.96
S13 LZ6 K . -11.42 10.37 -4.05
C12 LZ6 K . -11.11 11.20 -5.58
C11 LZ6 K . -11.03 12.73 -5.40
N7 LZ6 K . -12.37 13.24 -5.09
C8 LZ6 K . -12.71 13.57 -3.69
C9 LZ6 K . -12.34 15.02 -3.42
CL10 LZ6 K . -13.52 15.70 -2.24
C1 LZ6 K . -13.35 13.42 -6.10
C6 LZ6 K . -14.59 13.99 -5.77
C5 LZ6 K . -15.57 14.17 -6.74
C4 LZ6 K . -15.36 13.79 -8.06
C3 LZ6 K . -14.13 13.20 -8.38
C2 LZ6 K . -13.14 13.03 -7.41
C14 LZ6 K . -16.44 13.99 -9.10
C15 LZ6 K . -15.88 14.43 -10.45
C16 LZ6 K . -16.49 15.74 -10.93
C17 LZ6 K . -16.08 15.97 -12.36
O18 LZ6 K . -16.85 15.60 -13.28
O19 LZ6 K . -14.97 16.52 -12.59
N1 GSH L . -6.69 4.95 0.75
CA1 GSH L . -7.27 5.26 -0.55
C1 GSH L . -7.54 3.99 -1.31
O11 GSH L . -8.68 3.67 -1.73
O12 GSH L . -6.59 3.22 -1.56
CB1 GSH L . -8.52 6.12 -0.37
CG1 GSH L . -9.04 6.63 -1.70
CD1 GSH L . -9.17 8.13 -1.70
OE1 GSH L . -8.06 8.96 -1.94
N2 GSH L . -10.39 8.59 -1.48
CA2 GSH L . -10.80 9.86 -2.06
C2 GSH L . -11.83 10.53 -1.21
O2 GSH L . -12.73 9.76 -0.44
CB2 GSH L . -11.27 9.65 -3.50
SG2 GSH L . -9.87 9.14 -4.54
N3 GSH L . -11.76 11.85 -1.21
CA3 GSH L . -12.69 12.70 -0.48
C3 GSH L . -12.15 13.13 0.87
O31 GSH L . -12.84 13.87 1.62
O32 GSH L . -11.02 12.76 1.25
#